data_7DPD
#
_entry.id   7DPD
#
_cell.length_a   78.286
_cell.length_b   85.900
_cell.length_c   111.511
_cell.angle_alpha   90.000
_cell.angle_beta   90.000
_cell.angle_gamma   90.000
#
_symmetry.space_group_name_H-M   'P 21 21 21'
#
loop_
_entity.id
_entity.type
_entity.pdbx_description
1 polymer 'DNA helicase MCM9'
2 non-polymer 'ZINC ION'
3 non-polymer 'SODIUM ION'
4 water water
#
_entity_poly.entity_id   1
_entity_poly.type   'polypeptide(L)'
_entity_poly.pdbx_seq_one_letter_code
;MGSSHHHHHHSNGSMNSDQVTLVGQVFESYVSEYHKNDILLILKERDEDAHYPVVVNAMTLFETNMEIGEYFNMFPSEVL
TIFDSALRRSALTILQSLSQPEAVSMKQNLHARISGLPVCPELVREHIPKTKDVGHFLSVTGTVIRTSLVKVLEFERDYM
CNKCKHVFVIKADFEQYYTFCPPSSCPSLESCDSSKFTCLSGLSSSPTRCRDYQEIKIQEQVQRLSVGSIPRSMKVILED
DLVDSCKSGDDLTIYGIVMQRWKPFQQDVRAEVEIVLKANYIQVNNEQSSG
;
_entity_poly.pdbx_strand_id   A,B
#
# COMPACT_ATOMS: atom_id res chain seq x y z
N SER A 14 31.30 -12.95 -16.72
CA SER A 14 30.86 -13.93 -15.73
C SER A 14 32.06 -14.59 -15.05
N MET A 15 31.81 -15.74 -14.42
CA MET A 15 32.83 -16.52 -13.73
C MET A 15 33.19 -17.73 -14.57
N ASN A 16 34.48 -18.04 -14.65
CA ASN A 16 34.91 -19.22 -15.38
C ASN A 16 34.74 -20.46 -14.50
N SER A 17 35.00 -21.63 -15.08
CA SER A 17 34.82 -22.87 -14.34
C SER A 17 35.74 -22.93 -13.12
N ASP A 18 36.89 -22.29 -13.20
CA ASP A 18 37.82 -22.27 -12.07
C ASP A 18 37.22 -21.56 -10.86
N GLN A 19 36.52 -20.45 -11.10
CA GLN A 19 35.93 -19.69 -9.99
C GLN A 19 34.63 -20.30 -9.51
N VAL A 20 33.83 -20.87 -10.43
CA VAL A 20 32.59 -21.51 -10.03
C VAL A 20 32.87 -22.72 -9.15
N THR A 21 33.94 -23.46 -9.46
CA THR A 21 34.28 -24.64 -8.68
C THR A 21 34.66 -24.27 -7.26
N LEU A 22 35.53 -23.27 -7.09
CA LEU A 22 35.96 -22.90 -5.75
C LEU A 22 34.80 -22.35 -4.93
N VAL A 23 33.93 -21.56 -5.56
CA VAL A 23 32.79 -20.99 -4.85
C VAL A 23 31.90 -22.11 -4.30
N GLY A 24 31.48 -23.03 -5.17
CA GLY A 24 30.62 -24.12 -4.72
C GLY A 24 31.29 -25.01 -3.68
N GLN A 25 32.60 -25.22 -3.80
CA GLN A 25 33.27 -26.14 -2.88
C GLN A 25 33.45 -25.51 -1.50
N VAL A 26 33.69 -24.20 -1.45
CA VAL A 26 33.78 -23.52 -0.15
C VAL A 26 32.41 -23.49 0.52
N PHE A 27 31.35 -23.23 -0.24
CA PHE A 27 30.02 -23.24 0.34
C PHE A 27 29.59 -24.65 0.74
N GLU A 28 29.97 -25.65 -0.05
CA GLU A 28 29.55 -27.01 0.27
C GLU A 28 30.17 -27.48 1.58
N SER A 29 31.42 -27.11 1.84
CA SER A 29 32.05 -27.53 3.10
C SER A 29 31.50 -26.73 4.28
N TYR A 30 31.19 -25.46 4.07
CA TYR A 30 30.60 -24.65 5.13
C TYR A 30 29.23 -25.20 5.54
N VAL A 31 28.39 -25.54 4.55
CA VAL A 31 27.06 -26.06 4.85
C VAL A 31 27.17 -27.42 5.53
N SER A 32 28.00 -28.31 4.97
CA SER A 32 28.13 -29.66 5.52
C SER A 32 28.74 -29.67 6.91
N GLU A 33 29.26 -28.55 7.40
CA GLU A 33 29.84 -28.47 8.73
C GLU A 33 28.98 -27.71 9.73
N TYR A 34 28.28 -26.66 9.29
CA TYR A 34 27.50 -25.82 10.20
C TYR A 34 26.00 -25.99 10.06
N HIS A 35 25.51 -26.64 9.00
CA HIS A 35 24.07 -26.72 8.76
C HIS A 35 23.63 -28.16 8.53
N LYS A 36 24.39 -29.12 9.05
CA LYS A 36 24.05 -30.53 8.87
C LYS A 36 22.65 -30.84 9.36
N ASN A 37 22.27 -30.30 10.52
CA ASN A 37 20.95 -30.58 11.05
C ASN A 37 19.87 -29.82 10.30
N ASP A 38 20.19 -28.63 9.77
CA ASP A 38 19.20 -27.89 9.00
C ASP A 38 18.79 -28.66 7.74
N ILE A 39 19.74 -29.31 7.08
CA ILE A 39 19.40 -30.11 5.90
C ILE A 39 18.65 -31.36 6.31
N LEU A 40 19.03 -31.98 7.44
CA LEU A 40 18.36 -33.17 7.92
C LEU A 40 16.87 -32.90 8.17
N LEU A 41 16.55 -31.75 8.75
CA LEU A 41 15.14 -31.40 8.96
C LEU A 41 14.41 -31.22 7.63
N ILE A 42 15.08 -30.64 6.64
CA ILE A 42 14.47 -30.52 5.32
C ILE A 42 14.20 -31.89 4.72
N LEU A 43 15.20 -32.78 4.80
CA LEU A 43 15.03 -34.15 4.31
C LEU A 43 13.87 -34.86 5.01
N LYS A 44 13.67 -34.58 6.30
CA LYS A 44 12.63 -35.24 7.08
C LYS A 44 11.23 -34.75 6.74
N GLU A 45 11.09 -33.62 6.05
CA GLU A 45 9.78 -33.10 5.70
C GLU A 45 9.08 -34.03 4.71
N ARG A 46 7.76 -33.93 4.65
CA ARG A 46 6.96 -34.84 3.84
C ARG A 46 6.82 -34.38 2.40
N ASP A 47 6.42 -33.13 2.18
CA ASP A 47 6.14 -32.63 0.83
C ASP A 47 7.44 -32.47 0.05
N GLU A 48 7.57 -33.20 -1.06
CA GLU A 48 8.79 -33.20 -1.84
C GLU A 48 8.85 -32.09 -2.88
N ASP A 49 7.70 -31.51 -3.26
CA ASP A 49 7.66 -30.47 -4.27
C ASP A 49 7.77 -29.07 -3.69
N ALA A 50 7.72 -28.92 -2.37
CA ALA A 50 7.77 -27.61 -1.75
C ALA A 50 9.18 -27.02 -1.83
N HIS A 51 9.28 -25.74 -1.52
CA HIS A 51 10.54 -25.02 -1.54
C HIS A 51 11.02 -24.83 -0.10
N TYR A 52 12.27 -25.18 0.15
CA TYR A 52 12.82 -25.16 1.50
C TYR A 52 14.04 -24.26 1.57
N PRO A 53 14.11 -23.34 2.53
CA PRO A 53 15.28 -22.48 2.67
C PRO A 53 16.33 -23.07 3.59
N VAL A 54 17.57 -22.66 3.37
CA VAL A 54 18.68 -22.88 4.30
C VAL A 54 19.29 -21.50 4.56
N VAL A 55 19.17 -21.01 5.79
CA VAL A 55 19.63 -19.68 6.15
C VAL A 55 21.08 -19.76 6.61
N VAL A 56 21.91 -18.86 6.08
CA VAL A 56 23.35 -18.89 6.34
C VAL A 56 23.81 -17.49 6.71
N ASN A 57 24.71 -17.41 7.70
CA ASN A 57 25.31 -16.15 8.13
C ASN A 57 26.44 -15.79 7.15
N ALA A 58 26.24 -14.72 6.37
CA ALA A 58 27.24 -14.34 5.37
C ALA A 58 28.53 -13.89 6.02
N MET A 59 28.44 -13.19 7.15
CA MET A 59 29.63 -12.70 7.83
C MET A 59 30.57 -13.85 8.18
N THR A 60 30.05 -14.89 8.84
CA THR A 60 30.89 -16.02 9.19
C THR A 60 31.34 -16.79 7.96
N LEU A 61 30.52 -16.86 6.92
CA LEU A 61 30.92 -17.54 5.70
C LEU A 61 32.05 -16.81 5.00
N PHE A 62 31.93 -15.49 4.86
CA PHE A 62 32.96 -14.71 4.18
C PHE A 62 34.28 -14.70 4.95
N GLU A 63 34.27 -15.05 6.23
CA GLU A 63 35.52 -15.10 6.99
C GLU A 63 36.31 -16.37 6.74
N THR A 64 35.67 -17.43 6.27
CA THR A 64 36.38 -18.67 5.99
C THR A 64 37.18 -18.60 4.69
N ASN A 65 36.80 -17.72 3.77
CA ASN A 65 37.44 -17.63 2.48
C ASN A 65 37.32 -16.20 1.96
N MET A 66 38.42 -15.67 1.42
CA MET A 66 38.43 -14.29 0.97
C MET A 66 37.75 -14.14 -0.39
N GLU A 67 37.95 -15.09 -1.30
CA GLU A 67 37.43 -14.96 -2.65
C GLU A 67 35.91 -15.11 -2.70
N ILE A 68 35.32 -15.87 -1.77
CA ILE A 68 33.89 -16.12 -1.82
C ILE A 68 33.10 -14.82 -1.68
N GLY A 69 33.56 -13.93 -0.79
CA GLY A 69 32.87 -12.66 -0.59
C GLY A 69 33.03 -11.72 -1.77
N GLU A 70 34.18 -11.77 -2.45
CA GLU A 70 34.38 -10.92 -3.61
C GLU A 70 33.43 -11.31 -4.75
N TYR A 71 33.41 -12.60 -5.09
CA TYR A 71 32.52 -13.04 -6.17
C TYR A 71 31.05 -12.83 -5.83
N PHE A 72 30.67 -13.02 -4.56
CA PHE A 72 29.29 -12.81 -4.17
C PHE A 72 28.87 -11.35 -4.38
N ASN A 73 29.70 -10.42 -3.90
CA ASN A 73 29.38 -9.00 -4.08
C ASN A 73 29.52 -8.57 -5.54
N MET A 74 30.22 -9.35 -6.36
CA MET A 74 30.38 -9.04 -7.76
C MET A 74 29.28 -9.66 -8.61
N PHE A 75 28.95 -10.93 -8.36
CA PHE A 75 27.92 -11.65 -9.11
C PHE A 75 26.96 -12.31 -8.13
N PRO A 76 26.11 -11.52 -7.46
CA PRO A 76 25.21 -12.12 -6.45
C PRO A 76 24.23 -13.10 -7.03
N SER A 77 23.59 -12.78 -8.14
CA SER A 77 22.60 -13.68 -8.72
C SER A 77 23.20 -15.04 -9.06
N GLU A 78 24.38 -15.05 -9.69
CA GLU A 78 24.96 -16.32 -10.11
C GLU A 78 25.61 -17.08 -8.95
N VAL A 79 26.10 -16.37 -7.94
CA VAL A 79 26.67 -17.04 -6.77
C VAL A 79 25.57 -17.74 -5.98
N LEU A 80 24.40 -17.11 -5.86
CA LEU A 80 23.27 -17.76 -5.20
C LEU A 80 22.83 -19.00 -5.95
N THR A 81 22.88 -18.96 -7.29
CA THR A 81 22.58 -20.16 -8.06
C THR A 81 23.57 -21.27 -7.77
N ILE A 82 24.86 -20.93 -7.68
CA ILE A 82 25.88 -21.92 -7.34
C ILE A 82 25.63 -22.47 -5.94
N PHE A 83 25.21 -21.62 -5.01
CA PHE A 83 24.94 -22.07 -3.64
C PHE A 83 23.83 -23.10 -3.61
N ASP A 84 22.77 -22.91 -4.42
CA ASP A 84 21.68 -23.87 -4.47
C ASP A 84 22.14 -25.22 -5.01
N SER A 85 23.09 -25.22 -5.94
CA SER A 85 23.62 -26.48 -6.45
C SER A 85 24.44 -27.20 -5.39
N ALA A 86 25.13 -26.45 -4.53
CA ALA A 86 25.90 -27.06 -3.44
C ALA A 86 24.98 -27.59 -2.34
N LEU A 87 23.80 -27.00 -2.18
CA LEU A 87 22.86 -27.49 -1.18
C LEU A 87 22.30 -28.85 -1.57
N ARG A 88 21.98 -29.04 -2.85
CA ARG A 88 21.45 -30.33 -3.28
C ARG A 88 22.49 -31.43 -3.14
N ARG A 89 23.76 -31.12 -3.43
CA ARG A 89 24.82 -32.12 -3.25
C ARG A 89 25.03 -32.44 -1.77
N SER A 90 24.99 -31.42 -0.91
CA SER A 90 25.13 -31.68 0.52
C SER A 90 23.94 -32.45 1.06
N ALA A 91 22.73 -32.16 0.54
CA ALA A 91 21.56 -32.92 0.95
C ALA A 91 21.66 -34.39 0.55
N LEU A 92 22.12 -34.65 -0.67
CA LEU A 92 22.23 -36.04 -1.13
C LEU A 92 23.33 -36.79 -0.38
N THR A 93 24.40 -36.08 0.01
CA THR A 93 25.45 -36.72 0.79
C THR A 93 24.96 -37.08 2.18
N ILE A 94 24.25 -36.17 2.84
CA ILE A 94 23.68 -36.45 4.17
C ILE A 94 22.67 -37.59 4.09
N LEU A 95 21.86 -37.60 3.02
CA LEU A 95 20.86 -38.66 2.88
C LEU A 95 21.52 -40.02 2.72
N GLN A 96 22.62 -40.09 1.96
CA GLN A 96 23.30 -41.37 1.75
C GLN A 96 24.08 -41.84 2.96
N SER A 97 24.28 -40.98 3.95
CA SER A 97 24.99 -41.35 5.18
C SER A 97 24.07 -41.95 6.24
N LEU A 98 22.76 -41.93 6.02
CA LEU A 98 21.83 -42.48 7.00
C LEU A 98 21.70 -43.98 6.83
N SER A 99 21.52 -44.67 7.97
CA SER A 99 21.36 -46.11 7.93
C SER A 99 20.08 -46.51 7.22
N GLN A 100 19.05 -45.66 7.27
CA GLN A 100 17.78 -45.91 6.60
C GLN A 100 17.42 -44.71 5.73
N PRO A 101 18.04 -44.60 4.55
CA PRO A 101 17.75 -43.44 3.68
C PRO A 101 16.32 -43.39 3.20
N GLU A 102 15.59 -44.50 3.26
CA GLU A 102 14.18 -44.51 2.86
C GLU A 102 13.27 -43.88 3.91
N ALA A 103 13.78 -43.58 5.10
CA ALA A 103 13.00 -42.90 6.11
C ALA A 103 12.84 -41.41 5.85
N VAL A 104 13.61 -40.84 4.91
CA VAL A 104 13.48 -39.44 4.53
C VAL A 104 13.27 -39.38 3.03
N SER A 105 13.15 -38.17 2.49
CA SER A 105 12.97 -37.99 1.06
C SER A 105 13.78 -36.79 0.57
N MET A 106 14.47 -36.98 -0.54
CA MET A 106 15.26 -35.90 -1.13
C MET A 106 14.37 -34.73 -1.53
N LYS A 107 14.89 -33.52 -1.35
CA LYS A 107 14.19 -32.30 -1.73
C LYS A 107 15.04 -31.55 -2.75
N GLN A 108 14.48 -31.30 -3.92
CA GLN A 108 15.24 -30.67 -5.01
C GLN A 108 15.15 -29.16 -5.01
N ASN A 109 14.13 -28.57 -4.38
CA ASN A 109 13.95 -27.12 -4.36
C ASN A 109 14.54 -26.56 -3.07
N LEU A 110 15.86 -26.42 -3.06
CA LEU A 110 16.59 -25.84 -1.94
C LEU A 110 17.12 -24.47 -2.34
N HIS A 111 16.96 -23.50 -1.45
CA HIS A 111 17.39 -22.14 -1.71
C HIS A 111 18.32 -21.68 -0.59
N ALA A 112 19.47 -21.13 -0.96
CA ALA A 112 20.36 -20.49 0.00
C ALA A 112 19.87 -19.07 0.25
N ARG A 113 19.48 -18.78 1.49
CA ARG A 113 18.99 -17.46 1.86
C ARG A 113 20.02 -16.81 2.76
N ILE A 114 20.49 -15.64 2.35
CA ILE A 114 21.61 -14.97 3.00
C ILE A 114 21.07 -14.05 4.09
N SER A 115 21.65 -14.17 5.28
CA SER A 115 21.33 -13.29 6.39
C SER A 115 22.63 -12.82 7.02
N GLY A 116 22.53 -11.80 7.87
CA GLY A 116 23.68 -11.32 8.61
C GLY A 116 24.83 -10.83 7.77
N LEU A 117 24.58 -9.84 6.91
CA LEU A 117 25.66 -9.24 6.16
C LEU A 117 26.60 -8.48 7.09
N PRO A 118 27.88 -8.36 6.72
CA PRO A 118 28.79 -7.49 7.48
C PRO A 118 28.22 -6.09 7.65
N VAL A 119 28.06 -5.64 8.89
CA VAL A 119 27.37 -4.38 9.16
C VAL A 119 28.26 -3.23 8.69
N CYS A 120 27.82 -2.55 7.63
CA CYS A 120 28.50 -1.39 7.09
C CYS A 120 27.50 -0.61 6.24
N PRO A 121 27.69 0.70 6.07
CA PRO A 121 26.66 1.50 5.38
C PRO A 121 26.46 1.10 3.93
N GLU A 122 27.41 0.43 3.30
CA GLU A 122 27.27 0.09 1.89
C GLU A 122 26.39 -1.14 1.68
N LEU A 123 26.19 -1.96 2.70
CA LEU A 123 25.41 -3.18 2.60
C LEU A 123 24.12 -3.18 3.42
N VAL A 124 24.07 -2.43 4.51
CA VAL A 124 22.89 -2.35 5.36
C VAL A 124 22.31 -0.95 5.23
N ARG A 125 21.08 -0.87 4.75
CA ARG A 125 20.48 0.39 4.35
C ARG A 125 19.24 0.70 5.17
N GLU A 126 19.03 1.99 5.43
CA GLU A 126 17.79 2.49 5.99
C GLU A 126 16.99 3.30 4.98
N HIS A 127 17.54 3.51 3.78
CA HIS A 127 16.87 4.24 2.72
C HIS A 127 16.70 3.34 1.50
N ILE A 128 15.75 3.73 0.65
CA ILE A 128 15.49 2.98 -0.59
C ILE A 128 16.72 3.06 -1.48
N PRO A 129 17.25 1.93 -1.96
CA PRO A 129 18.42 1.97 -2.86
C PRO A 129 18.12 2.74 -4.13
N LYS A 130 19.16 3.34 -4.69
CA LYS A 130 19.08 4.19 -5.87
C LYS A 130 19.66 3.47 -7.08
N THR A 131 19.69 4.17 -8.22
CA THR A 131 20.17 3.57 -9.47
C THR A 131 21.60 3.06 -9.34
N LYS A 132 22.43 3.78 -8.59
CA LYS A 132 23.81 3.36 -8.34
C LYS A 132 23.88 1.96 -7.73
N ASP A 133 22.84 1.56 -7.00
CA ASP A 133 22.83 0.31 -6.27
C ASP A 133 22.28 -0.86 -7.07
N VAL A 134 21.80 -0.63 -8.30
CA VAL A 134 21.23 -1.70 -9.10
C VAL A 134 22.28 -2.79 -9.31
N GLY A 135 21.86 -4.04 -9.17
CA GLY A 135 22.74 -5.18 -9.31
C GLY A 135 23.45 -5.59 -8.04
N HIS A 136 23.40 -4.79 -7.00
CA HIS A 136 24.07 -5.12 -5.75
C HIS A 136 23.15 -5.88 -4.81
N PHE A 137 23.76 -6.72 -3.97
CA PHE A 137 23.07 -7.44 -2.92
C PHE A 137 23.26 -6.67 -1.61
N LEU A 138 22.15 -6.25 -1.01
CA LEU A 138 22.20 -5.50 0.24
C LEU A 138 20.91 -5.70 1.01
N SER A 139 20.87 -5.19 2.23
CA SER A 139 19.70 -5.30 3.07
C SER A 139 19.02 -3.94 3.20
N VAL A 140 17.68 -3.97 3.26
CA VAL A 140 16.86 -2.77 3.42
C VAL A 140 15.91 -3.02 4.59
N THR A 141 15.86 -2.08 5.53
CA THR A 141 14.95 -2.19 6.66
C THR A 141 13.83 -1.17 6.51
N GLY A 142 12.59 -1.66 6.58
CA GLY A 142 11.44 -0.79 6.45
C GLY A 142 10.21 -1.43 7.08
N THR A 143 9.07 -0.78 6.86
CA THR A 143 7.80 -1.24 7.37
C THR A 143 6.86 -1.53 6.22
N VAL A 144 6.15 -2.67 6.32
CA VAL A 144 5.25 -3.08 5.25
C VAL A 144 4.00 -2.21 5.27
N ILE A 145 3.68 -1.63 4.12
CA ILE A 145 2.51 -0.76 3.98
C ILE A 145 1.44 -1.36 3.07
N ARG A 146 1.75 -2.45 2.36
CA ARG A 146 0.81 -3.05 1.43
C ARG A 146 1.29 -4.43 1.00
N THR A 147 0.40 -5.43 1.04
CA THR A 147 0.68 -6.75 0.52
C THR A 147 -0.37 -7.10 -0.52
N SER A 148 0.07 -7.80 -1.57
CA SER A 148 -0.84 -8.28 -2.60
C SER A 148 -1.18 -9.74 -2.38
N LEU A 149 -2.14 -10.23 -3.14
CA LEU A 149 -2.48 -11.65 -3.11
C LEU A 149 -1.39 -12.45 -3.81
N VAL A 150 -1.19 -13.68 -3.34
CA VAL A 150 -0.20 -14.56 -3.97
C VAL A 150 -0.73 -14.99 -5.32
N LYS A 151 0.14 -14.94 -6.33
CA LYS A 151 -0.20 -15.33 -7.68
C LYS A 151 0.67 -16.50 -8.10
N VAL A 152 0.11 -17.37 -8.93
CA VAL A 152 0.83 -18.50 -9.50
C VAL A 152 1.26 -18.11 -10.91
N LEU A 153 2.56 -18.17 -11.17
CA LEU A 153 3.13 -17.70 -12.43
C LEU A 153 4.04 -18.77 -13.03
N GLU A 154 4.10 -18.78 -14.35
CA GLU A 154 4.96 -19.69 -15.09
C GLU A 154 6.28 -19.00 -15.38
N PHE A 155 7.38 -19.60 -14.92
CA PHE A 155 8.70 -19.02 -15.08
C PHE A 155 9.55 -19.72 -16.13
N GLU A 156 9.10 -20.85 -16.67
CA GLU A 156 9.83 -21.57 -17.69
C GLU A 156 8.84 -22.21 -18.66
N ARG A 157 9.25 -22.29 -19.93
CA ARG A 157 8.42 -22.87 -20.98
C ARG A 157 9.27 -23.81 -21.83
N ASP A 158 8.73 -24.99 -22.10
CA ASP A 158 9.43 -26.01 -22.87
C ASP A 158 9.15 -25.85 -24.36
N TYR A 159 10.17 -26.14 -25.16
CA TYR A 159 10.08 -26.15 -26.62
C TYR A 159 10.76 -27.42 -27.14
N MET A 160 10.71 -27.60 -28.45
CA MET A 160 11.37 -28.74 -29.07
C MET A 160 11.89 -28.31 -30.44
N CYS A 161 12.92 -29.01 -30.90
CA CYS A 161 13.51 -28.75 -32.20
C CYS A 161 12.80 -29.58 -33.26
N ASN A 162 12.50 -28.95 -34.40
CA ASN A 162 11.80 -29.64 -35.47
C ASN A 162 12.69 -30.67 -36.19
N LYS A 163 14.00 -30.55 -36.06
CA LYS A 163 14.92 -31.46 -36.75
C LYS A 163 15.52 -32.52 -35.85
N CYS A 164 15.74 -32.23 -34.57
CA CYS A 164 16.35 -33.17 -33.65
C CYS A 164 15.44 -33.65 -32.54
N LYS A 165 14.24 -33.06 -32.39
CA LYS A 165 13.29 -33.44 -31.33
C LYS A 165 13.89 -33.26 -29.95
N HIS A 166 14.75 -32.24 -29.80
CA HIS A 166 15.38 -31.96 -28.52
C HIS A 166 14.51 -31.00 -27.73
N VAL A 167 14.12 -31.42 -26.53
CA VAL A 167 13.27 -30.61 -25.66
C VAL A 167 14.16 -29.71 -24.81
N PHE A 168 14.05 -28.41 -25.01
CA PHE A 168 14.78 -27.42 -24.23
C PHE A 168 13.79 -26.45 -23.58
N VAL A 169 14.33 -25.50 -22.83
CA VAL A 169 13.52 -24.58 -22.04
C VAL A 169 14.06 -23.17 -22.23
N ILE A 170 13.16 -22.19 -22.11
CA ILE A 170 13.55 -20.78 -22.07
C ILE A 170 13.10 -20.21 -20.73
N LYS A 171 13.79 -19.17 -20.28
CA LYS A 171 13.54 -18.57 -18.99
C LYS A 171 12.75 -17.27 -19.15
N ALA A 172 11.80 -17.05 -18.26
CA ALA A 172 11.03 -15.81 -18.27
C ALA A 172 11.90 -14.67 -17.75
N ASP A 173 11.86 -13.53 -18.44
CA ASP A 173 12.68 -12.37 -18.09
C ASP A 173 12.06 -11.64 -16.90
N PHE A 174 12.74 -11.69 -15.75
CA PHE A 174 12.25 -10.98 -14.57
C PHE A 174 12.18 -9.48 -14.82
N GLU A 175 13.15 -8.92 -15.54
CA GLU A 175 13.20 -7.48 -15.74
C GLU A 175 12.04 -6.97 -16.59
N GLN A 176 11.44 -7.84 -17.41
CA GLN A 176 10.29 -7.47 -18.23
C GLN A 176 9.02 -8.16 -17.76
N TYR A 177 8.87 -8.26 -16.44
CA TYR A 177 7.64 -8.77 -15.82
C TYR A 177 7.34 -10.20 -16.27
N TYR A 178 8.37 -11.03 -16.33
CA TYR A 178 8.25 -12.46 -16.61
C TYR A 178 7.52 -12.71 -17.94
N THR A 179 8.08 -12.13 -18.99
CA THR A 179 7.62 -12.38 -20.36
C THR A 179 8.66 -13.19 -21.11
N PHE A 180 8.18 -14.02 -22.03
CA PHE A 180 9.03 -14.89 -22.82
C PHE A 180 9.30 -14.30 -24.19
N CYS A 181 10.48 -14.56 -24.72
CA CYS A 181 10.85 -14.22 -26.08
C CYS A 181 11.22 -15.48 -26.84
N PRO A 182 10.66 -15.70 -28.04
CA PRO A 182 10.94 -16.93 -28.78
C PRO A 182 12.37 -16.93 -29.30
N PRO A 183 13.13 -18.00 -29.05
CA PRO A 183 14.48 -18.09 -29.57
C PRO A 183 14.50 -18.56 -31.02
N SER A 184 15.70 -18.55 -31.60
CA SER A 184 15.90 -18.98 -32.99
C SER A 184 17.18 -19.79 -33.14
N SER A 185 17.61 -20.48 -32.08
CA SER A 185 18.82 -21.27 -32.10
C SER A 185 18.61 -22.51 -31.25
N CYS A 186 18.95 -23.68 -31.81
CA CYS A 186 18.74 -24.93 -31.09
C CYS A 186 19.87 -25.15 -30.08
N PRO A 187 19.57 -25.22 -28.78
CA PRO A 187 20.64 -25.40 -27.79
C PRO A 187 20.98 -26.86 -27.54
N SER A 188 20.82 -27.70 -28.56
CA SER A 188 21.13 -29.12 -28.40
C SER A 188 22.65 -29.32 -28.36
N LEU A 189 23.06 -30.52 -27.92
CA LEU A 189 24.48 -30.84 -27.88
C LEU A 189 25.09 -30.88 -29.27
N GLU A 190 24.30 -31.20 -30.29
CA GLU A 190 24.75 -31.20 -31.67
C GLU A 190 24.24 -29.93 -32.35
N SER A 191 25.14 -29.22 -33.01
CA SER A 191 24.82 -27.92 -33.61
C SER A 191 23.75 -28.07 -34.68
N CYS A 192 22.52 -27.70 -34.36
CA CYS A 192 21.41 -27.73 -35.30
C CYS A 192 21.18 -26.34 -35.88
N ASP A 193 21.15 -26.26 -37.20
CA ASP A 193 20.82 -25.01 -37.88
C ASP A 193 19.32 -24.74 -37.90
N SER A 194 18.54 -25.52 -37.17
CA SER A 194 17.09 -25.38 -37.18
C SER A 194 16.67 -24.13 -36.40
N SER A 195 15.86 -23.29 -37.04
CA SER A 195 15.25 -22.15 -36.39
C SER A 195 13.76 -22.35 -36.14
N LYS A 196 13.20 -23.48 -36.57
CA LYS A 196 11.79 -23.78 -36.40
C LYS A 196 11.60 -24.60 -35.13
N PHE A 197 10.88 -24.04 -34.16
CA PHE A 197 10.60 -24.71 -32.90
C PHE A 197 9.10 -24.63 -32.62
N THR A 198 8.63 -25.52 -31.76
CA THR A 198 7.23 -25.57 -31.37
C THR A 198 7.12 -25.37 -29.86
N CYS A 199 6.05 -24.69 -29.44
CA CYS A 199 5.79 -24.44 -28.04
C CYS A 199 4.99 -25.59 -27.44
N LEU A 200 5.46 -26.09 -26.29
CA LEU A 200 4.82 -27.23 -25.63
C LEU A 200 4.18 -26.85 -24.31
N SER A 201 4.15 -25.55 -23.97
CA SER A 201 3.71 -25.14 -22.63
C SER A 201 2.22 -25.42 -22.44
N GLY A 202 1.38 -25.00 -23.39
CA GLY A 202 -0.05 -25.17 -23.24
C GLY A 202 -0.59 -26.51 -23.65
N LEU A 203 0.20 -27.32 -24.35
CA LEU A 203 -0.31 -28.59 -24.87
C LEU A 203 -0.54 -29.60 -23.76
N SER A 204 0.19 -29.49 -22.66
CA SER A 204 0.04 -30.42 -21.55
C SER A 204 0.62 -29.78 -20.30
N SER A 205 0.30 -30.39 -19.15
CA SER A 205 0.87 -29.97 -17.88
C SER A 205 1.78 -31.07 -17.35
N SER A 206 2.79 -31.45 -18.13
CA SER A 206 3.70 -32.51 -17.69
C SER A 206 4.47 -32.13 -16.44
N PRO A 207 5.04 -30.92 -16.31
CA PRO A 207 5.53 -30.50 -14.99
C PRO A 207 4.61 -29.46 -14.38
N THR A 208 4.82 -29.17 -13.09
CA THR A 208 4.14 -28.05 -12.47
C THR A 208 5.13 -26.93 -12.22
N ARG A 209 5.91 -26.57 -13.25
CA ARG A 209 6.93 -25.54 -13.12
C ARG A 209 6.32 -24.16 -12.99
N CYS A 210 5.46 -23.98 -11.99
CA CYS A 210 4.86 -22.68 -11.69
C CYS A 210 5.23 -22.28 -10.27
N ARG A 211 5.55 -21.01 -10.09
CA ARG A 211 6.02 -20.52 -8.80
C ARG A 211 4.96 -19.66 -8.13
N ASP A 212 5.08 -19.56 -6.80
CA ASP A 212 4.32 -18.57 -6.05
C ASP A 212 4.99 -17.21 -6.17
N TYR A 213 4.18 -16.16 -6.29
CA TYR A 213 4.65 -14.82 -6.53
C TYR A 213 3.83 -13.85 -5.69
N GLN A 214 4.49 -12.83 -5.13
CA GLN A 214 3.80 -11.87 -4.30
C GLN A 214 4.59 -10.57 -4.29
N GLU A 215 3.87 -9.45 -4.38
CA GLU A 215 4.46 -8.13 -4.27
C GLU A 215 4.05 -7.50 -2.95
N ILE A 216 5.02 -6.87 -2.27
CA ILE A 216 4.73 -6.07 -1.10
C ILE A 216 5.35 -4.69 -1.31
N LYS A 217 4.91 -3.75 -0.50
CA LYS A 217 5.44 -2.39 -0.52
C LYS A 217 5.97 -2.07 0.88
N ILE A 218 7.26 -1.74 0.95
CA ILE A 218 7.85 -1.26 2.19
C ILE A 218 8.11 0.23 2.04
N GLN A 219 8.25 0.90 3.18
CA GLN A 219 8.51 2.32 3.21
C GLN A 219 9.53 2.61 4.29
N GLU A 220 10.37 3.62 4.05
CA GLU A 220 11.31 4.07 5.06
C GLU A 220 10.56 4.42 6.34
N GLN A 221 11.23 4.24 7.47
CA GLN A 221 10.63 4.47 8.78
C GLN A 221 11.05 5.84 9.27
N VAL A 222 10.09 6.78 9.29
CA VAL A 222 10.34 8.13 9.76
C VAL A 222 10.77 8.15 11.22
N GLN A 223 10.41 7.11 11.98
CA GLN A 223 10.89 6.98 13.36
C GLN A 223 12.39 6.76 13.45
N ARG A 224 13.08 6.60 12.32
CA ARG A 224 14.54 6.47 12.32
C ARG A 224 15.19 7.85 12.19
N LEU A 225 16.33 7.99 12.88
CA LEU A 225 17.09 9.24 12.83
C LEU A 225 17.51 9.57 11.41
N SER A 226 17.97 8.55 10.66
CA SER A 226 18.52 8.79 9.33
C SER A 226 17.44 9.17 8.33
N VAL A 227 16.20 8.77 8.57
CA VAL A 227 15.11 9.04 7.64
C VAL A 227 14.57 10.43 7.92
N GLY A 228 14.50 11.25 6.86
CA GLY A 228 14.04 12.62 7.00
C GLY A 228 12.55 12.75 7.20
N SER A 229 11.95 13.76 6.54
CA SER A 229 10.56 14.11 6.81
C SER A 229 9.60 13.25 5.99
N ILE A 230 9.89 13.05 4.72
CA ILE A 230 9.02 12.28 3.84
C ILE A 230 9.74 10.98 3.48
N PRO A 231 9.25 9.83 3.94
CA PRO A 231 9.87 8.56 3.56
C PRO A 231 9.49 8.14 2.15
N ARG A 232 10.35 7.31 1.56
CA ARG A 232 10.12 6.77 0.23
C ARG A 232 9.72 5.30 0.34
N SER A 233 9.06 4.81 -0.70
CA SER A 233 8.55 3.45 -0.76
C SER A 233 9.33 2.63 -1.78
N MET A 234 9.09 1.32 -1.76
CA MET A 234 9.78 0.42 -2.68
C MET A 234 8.98 -0.86 -2.82
N LYS A 235 8.89 -1.37 -4.05
CA LYS A 235 8.30 -2.68 -4.27
C LYS A 235 9.33 -3.77 -4.00
N VAL A 236 8.89 -4.80 -3.29
CA VAL A 236 9.71 -5.98 -3.02
C VAL A 236 8.98 -7.19 -3.60
N ILE A 237 9.69 -8.00 -4.37
CA ILE A 237 9.12 -9.19 -4.98
C ILE A 237 9.50 -10.39 -4.13
N LEU A 238 8.50 -11.15 -3.71
CA LEU A 238 8.69 -12.39 -2.98
C LEU A 238 8.35 -13.56 -3.89
N GLU A 239 9.14 -14.62 -3.81
CA GLU A 239 8.95 -15.81 -4.63
C GLU A 239 9.18 -17.05 -3.78
N ASP A 240 8.55 -18.15 -4.19
CA ASP A 240 8.74 -19.48 -3.58
C ASP A 240 8.29 -19.46 -2.11
N ASP A 241 9.13 -19.87 -1.17
CA ASP A 241 8.78 -19.97 0.24
C ASP A 241 8.78 -18.61 0.91
N LEU A 242 9.12 -17.53 0.21
CA LEU A 242 9.11 -16.21 0.83
C LEU A 242 7.74 -15.55 0.83
N VAL A 243 6.80 -16.05 0.01
CA VAL A 243 5.47 -15.48 -0.01
C VAL A 243 4.77 -15.81 1.31
N ASP A 244 3.79 -14.96 1.68
CA ASP A 244 3.00 -15.13 2.89
C ASP A 244 3.86 -15.15 4.15
N SER A 245 5.00 -14.47 4.14
CA SER A 245 5.90 -14.44 5.28
C SER A 245 5.82 -13.14 6.06
N CYS A 246 4.92 -12.24 5.69
CA CYS A 246 4.79 -10.96 6.36
C CYS A 246 3.43 -10.37 6.02
N LYS A 247 2.96 -9.48 6.89
CA LYS A 247 1.68 -8.82 6.71
C LYS A 247 1.88 -7.31 6.83
N SER A 248 0.85 -6.57 6.44
CA SER A 248 0.91 -5.12 6.50
C SER A 248 1.09 -4.66 7.95
N GLY A 249 2.12 -3.86 8.19
CA GLY A 249 2.43 -3.38 9.51
C GLY A 249 3.74 -3.91 10.09
N ASP A 250 4.28 -4.98 9.54
CA ASP A 250 5.49 -5.57 10.10
C ASP A 250 6.70 -4.69 9.84
N ASP A 251 7.70 -4.83 10.71
CA ASP A 251 9.00 -4.19 10.54
C ASP A 251 9.94 -5.23 9.97
N LEU A 252 10.34 -5.05 8.71
CA LEU A 252 11.09 -6.06 7.98
C LEU A 252 12.51 -5.59 7.69
N THR A 253 13.44 -6.54 7.73
CA THR A 253 14.78 -6.39 7.18
C THR A 253 14.89 -7.35 6.01
N ILE A 254 15.00 -6.80 4.80
CA ILE A 254 14.93 -7.59 3.57
C ILE A 254 16.30 -7.63 2.93
N TYR A 255 16.81 -8.84 2.71
CA TYR A 255 18.07 -9.07 2.00
C TYR A 255 17.76 -9.51 0.58
N GLY A 256 18.36 -8.85 -0.40
CA GLY A 256 18.11 -9.22 -1.78
C GLY A 256 18.91 -8.37 -2.73
N ILE A 257 18.55 -8.47 -4.01
CA ILE A 257 19.27 -7.84 -5.11
C ILE A 257 18.44 -6.70 -5.67
N VAL A 258 19.06 -5.53 -5.82
CA VAL A 258 18.39 -4.37 -6.39
C VAL A 258 18.34 -4.51 -7.90
N MET A 259 17.15 -4.36 -8.49
CA MET A 259 16.94 -4.64 -9.90
C MET A 259 16.01 -3.59 -10.49
N GLN A 260 15.95 -3.55 -11.82
CA GLN A 260 15.10 -2.63 -12.56
C GLN A 260 14.14 -3.41 -13.44
N ARG A 261 12.85 -3.17 -13.26
CA ARG A 261 11.83 -3.70 -14.17
C ARG A 261 11.30 -2.56 -15.04
N TRP A 262 11.00 -2.88 -16.29
CA TRP A 262 10.67 -1.84 -17.26
C TRP A 262 9.77 -2.40 -18.34
N LYS A 263 9.02 -1.50 -18.97
CA LYS A 263 8.19 -1.78 -20.14
C LYS A 263 8.43 -0.69 -21.17
N PRO A 264 8.76 -1.04 -22.41
CA PRO A 264 9.10 -0.01 -23.40
C PRO A 264 7.88 0.74 -23.88
N PHE A 265 8.14 1.83 -24.60
CA PHE A 265 7.08 2.58 -25.26
C PHE A 265 6.43 1.73 -26.34
N GLN A 266 5.13 1.94 -26.51
CA GLN A 266 4.38 1.30 -27.59
C GLN A 266 3.64 2.36 -28.40
N GLN A 267 2.69 1.93 -29.23
CA GLN A 267 1.98 2.88 -30.09
C GLN A 267 1.18 3.87 -29.27
N ASP A 268 0.37 3.38 -28.33
CA ASP A 268 -0.44 4.23 -27.47
C ASP A 268 -0.03 4.15 -26.00
N VAL A 269 0.95 3.34 -25.65
CA VAL A 269 1.33 3.11 -24.26
C VAL A 269 2.61 3.87 -23.95
N ARG A 270 2.65 4.47 -22.76
CA ARG A 270 3.87 5.12 -22.28
C ARG A 270 4.74 4.11 -21.56
N ALA A 271 6.05 4.36 -21.60
CA ALA A 271 6.98 3.47 -20.94
C ALA A 271 6.94 3.67 -19.43
N GLU A 272 7.45 2.67 -18.71
CA GLU A 272 7.54 2.77 -17.26
C GLU A 272 8.74 1.95 -16.79
N VAL A 273 9.56 2.56 -15.95
CA VAL A 273 10.75 1.92 -15.38
C VAL A 273 10.61 1.98 -13.87
N GLU A 274 11.16 0.97 -13.19
CA GLU A 274 10.90 0.79 -11.78
C GLU A 274 12.09 0.10 -11.13
N ILE A 275 12.47 0.58 -9.95
CA ILE A 275 13.50 -0.06 -9.14
C ILE A 275 12.82 -0.86 -8.05
N VAL A 276 13.04 -2.18 -8.06
CA VAL A 276 12.47 -3.08 -7.09
C VAL A 276 13.58 -3.86 -6.42
N LEU A 277 13.23 -4.57 -5.35
CA LEU A 277 14.16 -5.40 -4.60
C LEU A 277 13.72 -6.84 -4.72
N LYS A 278 14.53 -7.68 -5.36
CA LYS A 278 14.24 -9.11 -5.47
C LYS A 278 14.70 -9.79 -4.19
N ALA A 279 13.74 -10.11 -3.32
CA ALA A 279 14.06 -10.58 -1.98
C ALA A 279 14.76 -11.94 -2.01
N ASN A 280 15.74 -12.10 -1.13
CA ASN A 280 16.38 -13.38 -0.88
C ASN A 280 16.18 -13.88 0.54
N TYR A 281 15.87 -12.99 1.50
CA TYR A 281 15.57 -13.40 2.86
C TYR A 281 14.80 -12.28 3.53
N ILE A 282 13.86 -12.66 4.40
CA ILE A 282 13.04 -11.72 5.16
C ILE A 282 13.26 -11.99 6.63
N GLN A 283 13.48 -10.93 7.40
CA GLN A 283 13.66 -11.02 8.86
C GLN A 283 12.64 -10.11 9.50
N VAL A 284 11.70 -10.69 10.24
CA VAL A 284 10.69 -9.89 10.93
C VAL A 284 11.29 -9.32 12.20
N ASN A 285 11.06 -8.04 12.45
CA ASN A 285 11.57 -7.36 13.64
C ASN A 285 10.44 -7.11 14.63
N SER B 14 -2.38 18.81 -3.74
CA SER B 14 -1.95 17.61 -4.46
C SER B 14 -0.76 16.95 -3.78
N MET B 15 -1.00 15.79 -3.19
CA MET B 15 0.02 15.00 -2.50
C MET B 15 0.37 13.78 -3.33
N ASN B 16 1.66 13.46 -3.38
CA ASN B 16 2.09 12.29 -4.13
C ASN B 16 1.83 11.02 -3.33
N SER B 17 2.14 9.88 -3.93
CA SER B 17 1.90 8.60 -3.26
C SER B 17 2.70 8.47 -1.97
N ASP B 18 3.91 9.04 -1.93
CA ASP B 18 4.72 8.92 -0.73
C ASP B 18 4.10 9.68 0.43
N GLN B 19 3.62 10.90 0.18
CA GLN B 19 2.99 11.68 1.24
C GLN B 19 1.66 11.08 1.66
N VAL B 20 0.90 10.53 0.71
CA VAL B 20 -0.38 9.90 1.05
C VAL B 20 -0.18 8.73 1.99
N THR B 21 0.80 7.86 1.69
CA THR B 21 1.02 6.68 2.51
C THR B 21 1.55 7.07 3.89
N LEU B 22 2.39 8.11 3.95
CA LEU B 22 2.85 8.59 5.26
C LEU B 22 1.68 9.07 6.11
N VAL B 23 0.77 9.85 5.50
CA VAL B 23 -0.39 10.35 6.23
C VAL B 23 -1.24 9.19 6.72
N GLY B 24 -1.48 8.19 5.87
CA GLY B 24 -2.28 7.05 6.28
C GLY B 24 -1.60 6.18 7.31
N GLN B 25 -0.29 5.97 7.17
CA GLN B 25 0.44 5.10 8.09
C GLN B 25 0.47 5.68 9.50
N VAL B 26 0.73 6.99 9.60
CA VAL B 26 0.80 7.63 10.92
C VAL B 26 -0.56 7.60 11.60
N PHE B 27 -1.62 7.96 10.86
CA PHE B 27 -2.94 7.99 11.47
C PHE B 27 -3.40 6.59 11.87
N GLU B 28 -3.17 5.61 11.00
CA GLU B 28 -3.55 4.24 11.34
C GLU B 28 -2.82 3.75 12.59
N SER B 29 -1.57 4.17 12.77
CA SER B 29 -0.86 3.81 13.99
C SER B 29 -1.38 4.57 15.20
N TYR B 30 -1.76 5.83 15.03
CA TYR B 30 -2.20 6.64 16.16
C TYR B 30 -3.50 6.12 16.74
N VAL B 31 -4.50 5.86 15.89
CA VAL B 31 -5.79 5.43 16.42
C VAL B 31 -5.70 3.99 16.94
N SER B 32 -4.89 3.15 16.31
CA SER B 32 -4.71 1.79 16.82
C SER B 32 -4.07 1.76 18.21
N GLU B 33 -3.49 2.87 18.66
CA GLU B 33 -2.88 2.95 19.98
C GLU B 33 -3.77 3.69 20.98
N TYR B 34 -4.36 4.81 20.60
CA TYR B 34 -5.09 5.65 21.54
C TYR B 34 -6.60 5.50 21.44
N HIS B 35 -7.11 4.80 20.43
CA HIS B 35 -8.55 4.74 20.20
C HIS B 35 -9.03 3.32 20.02
N LYS B 36 -8.32 2.35 20.61
CA LYS B 36 -8.73 0.96 20.51
C LYS B 36 -10.14 0.75 21.04
N ASN B 37 -10.44 1.29 22.22
CA ASN B 37 -11.76 1.09 22.80
C ASN B 37 -12.83 1.89 22.05
N ASP B 38 -12.48 3.06 21.51
CA ASP B 38 -13.44 3.82 20.71
C ASP B 38 -13.86 3.02 19.48
N ILE B 39 -12.89 2.39 18.80
CA ILE B 39 -13.22 1.54 17.66
C ILE B 39 -14.06 0.34 18.09
N LEU B 40 -13.70 -0.25 19.23
CA LEU B 40 -14.41 -1.44 19.71
C LEU B 40 -15.89 -1.15 19.97
N LEU B 41 -16.20 0.03 20.53
CA LEU B 41 -17.59 0.38 20.76
C LEU B 41 -18.35 0.55 19.44
N ILE B 42 -17.68 1.03 18.41
CA ILE B 42 -18.33 1.15 17.11
C ILE B 42 -18.60 -0.24 16.52
N LEU B 43 -17.60 -1.13 16.60
CA LEU B 43 -17.78 -2.51 16.14
C LEU B 43 -18.95 -3.19 16.86
N LYS B 44 -19.12 -2.89 18.14
CA LYS B 44 -20.16 -3.53 18.93
C LYS B 44 -21.56 -3.04 18.59
N GLU B 45 -21.67 -1.91 17.89
CA GLU B 45 -22.98 -1.38 17.54
C GLU B 45 -23.69 -2.30 16.56
N ARG B 46 -25.02 -2.18 16.55
CA ARG B 46 -25.83 -3.08 15.73
C ARG B 46 -25.98 -2.59 14.30
N ASP B 47 -26.32 -1.32 14.12
CA ASP B 47 -26.63 -0.76 12.81
C ASP B 47 -25.37 -0.65 11.97
N GLU B 48 -25.28 -1.45 10.91
CA GLU B 48 -24.09 -1.51 10.07
C GLU B 48 -24.03 -0.42 9.00
N ASP B 49 -25.15 0.24 8.71
CA ASP B 49 -25.19 1.29 7.71
C ASP B 49 -25.18 2.69 8.29
N ALA B 50 -25.18 2.82 9.62
CA ALA B 50 -25.11 4.12 10.25
C ALA B 50 -23.69 4.68 10.12
N HIS B 51 -23.56 5.97 10.40
CA HIS B 51 -22.29 6.68 10.31
C HIS B 51 -21.72 6.88 11.71
N TYR B 52 -20.45 6.53 11.89
CA TYR B 52 -19.85 6.52 13.20
C TYR B 52 -18.63 7.43 13.25
N PRO B 53 -18.50 8.28 14.27
CA PRO B 53 -17.32 9.16 14.37
C PRO B 53 -16.20 8.56 15.22
N VAL B 54 -14.96 8.91 14.92
CA VAL B 54 -13.82 8.65 15.80
C VAL B 54 -13.18 10.00 16.09
N VAL B 55 -13.36 10.49 17.31
CA VAL B 55 -12.89 11.84 17.66
C VAL B 55 -11.42 11.77 18.07
N VAL B 56 -10.60 12.60 17.43
CA VAL B 56 -9.16 12.61 17.66
C VAL B 56 -8.75 14.00 18.12
N ASN B 57 -7.79 14.06 19.03
CA ASN B 57 -7.18 15.30 19.46
C ASN B 57 -6.01 15.62 18.53
N ALA B 58 -6.20 16.62 17.67
CA ALA B 58 -5.17 16.96 16.69
C ALA B 58 -3.87 17.39 17.36
N MET B 59 -3.95 18.02 18.54
CA MET B 59 -2.74 18.45 19.23
C MET B 59 -1.79 17.27 19.47
N THR B 60 -2.32 16.17 19.99
CA THR B 60 -1.50 14.98 20.22
C THR B 60 -1.05 14.36 18.89
N LEU B 61 -1.98 14.22 17.95
CA LEU B 61 -1.65 13.59 16.67
C LEU B 61 -0.56 14.34 15.93
N PHE B 62 -0.66 15.68 15.88
CA PHE B 62 0.35 16.47 15.20
C PHE B 62 1.72 16.35 15.86
N GLU B 63 1.75 16.10 17.17
CA GLU B 63 3.03 15.92 17.85
C GLU B 63 3.67 14.58 17.52
N THR B 64 2.87 13.59 17.13
CA THR B 64 3.43 12.31 16.72
C THR B 64 4.17 12.42 15.40
N ASN B 65 3.70 13.28 14.50
CA ASN B 65 4.33 13.48 13.20
C ASN B 65 4.05 14.90 12.75
N MET B 66 5.12 15.67 12.51
CA MET B 66 4.97 17.08 12.20
C MET B 66 4.53 17.32 10.76
N GLU B 67 4.97 16.47 9.83
CA GLU B 67 4.64 16.70 8.44
C GLU B 67 3.14 16.57 8.18
N ILE B 68 2.49 15.60 8.82
CA ILE B 68 1.05 15.45 8.63
C ILE B 68 0.31 16.68 9.16
N GLY B 69 0.87 17.35 10.18
CA GLY B 69 0.27 18.59 10.64
C GLY B 69 0.32 19.69 9.60
N GLU B 70 1.34 19.69 8.75
CA GLU B 70 1.41 20.68 7.68
C GLU B 70 0.57 20.26 6.49
N TYR B 71 0.54 18.96 6.16
CA TYR B 71 -0.30 18.49 5.07
C TYR B 71 -1.78 18.68 5.39
N PHE B 72 -2.18 18.44 6.65
CA PHE B 72 -3.54 18.72 7.07
C PHE B 72 -3.84 20.21 6.96
N ASN B 73 -2.86 21.07 7.23
CA ASN B 73 -3.08 22.50 7.13
C ASN B 73 -3.26 22.96 5.68
N MET B 74 -2.56 22.31 4.74
N MET B 74 -2.55 22.33 4.74
CA MET B 74 -2.59 22.74 3.35
CA MET B 74 -2.58 22.74 3.35
C MET B 74 -3.72 22.09 2.56
C MET B 74 -3.73 22.10 2.58
N PHE B 75 -4.00 20.82 2.80
CA PHE B 75 -5.06 20.08 2.11
C PHE B 75 -5.93 19.38 3.14
N PRO B 76 -6.71 20.13 3.93
CA PRO B 76 -7.49 19.47 5.00
C PRO B 76 -8.52 18.50 4.48
N SER B 77 -9.24 18.86 3.42
CA SER B 77 -10.27 17.97 2.87
C SER B 77 -9.66 16.65 2.42
N GLU B 78 -8.54 16.70 1.69
CA GLU B 78 -7.92 15.48 1.20
C GLU B 78 -7.35 14.64 2.35
N VAL B 79 -6.82 15.31 3.38
CA VAL B 79 -6.25 14.58 4.52
C VAL B 79 -7.35 13.86 5.30
N LEU B 80 -8.47 14.54 5.54
CA LEU B 80 -9.59 13.89 6.24
C LEU B 80 -10.01 12.62 5.51
N THR B 81 -10.05 12.67 4.18
CA THR B 81 -10.38 11.48 3.40
C THR B 81 -9.40 10.36 3.65
N ILE B 82 -8.10 10.67 3.67
CA ILE B 82 -7.09 9.65 3.96
C ILE B 82 -7.28 9.09 5.36
N PHE B 83 -7.65 9.94 6.32
CA PHE B 83 -7.90 9.47 7.68
C PHE B 83 -9.05 8.47 7.72
N ASP B 84 -10.12 8.74 6.97
CA ASP B 84 -11.25 7.82 6.96
C ASP B 84 -10.84 6.43 6.46
N SER B 85 -9.98 6.38 5.45
CA SER B 85 -9.49 5.10 4.95
C SER B 85 -8.63 4.38 5.99
N ALA B 86 -7.87 5.13 6.79
CA ALA B 86 -7.07 4.51 7.83
C ALA B 86 -7.95 4.01 8.98
N LEU B 87 -9.12 4.62 9.19
CA LEU B 87 -10.01 4.15 10.24
C LEU B 87 -10.58 2.78 9.90
N ARG B 88 -10.91 2.55 8.63
CA ARG B 88 -11.45 1.26 8.24
C ARG B 88 -10.42 0.15 8.43
N ARG B 89 -9.16 0.42 8.05
CA ARG B 89 -8.11 -0.58 8.24
C ARG B 89 -7.85 -0.84 9.72
N SER B 90 -7.83 0.22 10.53
CA SER B 90 -7.64 0.03 11.97
C SER B 90 -8.80 -0.74 12.57
N ALA B 91 -10.02 -0.48 12.10
CA ALA B 91 -11.18 -1.20 12.60
C ALA B 91 -11.13 -2.66 12.21
N LEU B 92 -10.67 -2.95 10.98
CA LEU B 92 -10.55 -4.33 10.54
C LEU B 92 -9.45 -5.06 11.32
N THR B 93 -8.38 -4.36 11.68
CA THR B 93 -7.32 -4.96 12.47
C THR B 93 -7.79 -5.28 13.89
N ILE B 94 -8.52 -4.34 14.52
CA ILE B 94 -9.01 -4.57 15.88
C ILE B 94 -10.04 -5.70 15.90
N LEU B 95 -10.91 -5.75 14.88
CA LEU B 95 -11.92 -6.79 14.82
C LEU B 95 -11.28 -8.17 14.71
N GLN B 96 -10.15 -8.27 14.00
CA GLN B 96 -9.50 -9.57 13.84
C GLN B 96 -8.74 -10.01 15.07
N SER B 97 -8.35 -9.07 15.94
CA SER B 97 -7.66 -9.44 17.17
C SER B 97 -8.57 -10.05 18.22
N LEU B 98 -9.88 -10.07 17.97
CA LEU B 98 -10.81 -10.59 18.95
C LEU B 98 -10.94 -12.10 18.83
N SER B 99 -11.14 -12.76 19.99
CA SER B 99 -11.28 -14.21 19.99
C SER B 99 -12.58 -14.65 19.33
N GLN B 100 -13.59 -13.78 19.29
CA GLN B 100 -14.86 -14.05 18.62
C GLN B 100 -15.21 -12.83 17.77
N PRO B 101 -14.60 -12.70 16.59
CA PRO B 101 -14.91 -11.54 15.72
C PRO B 101 -16.31 -11.56 15.15
N GLU B 102 -17.07 -12.64 15.34
CA GLU B 102 -18.46 -12.66 14.90
C GLU B 102 -19.40 -12.07 15.95
N ALA B 103 -18.91 -11.73 17.14
CA ALA B 103 -19.71 -11.03 18.13
C ALA B 103 -19.86 -9.55 17.82
N VAL B 104 -19.07 -9.01 16.89
CA VAL B 104 -19.23 -7.62 16.46
C VAL B 104 -19.41 -7.61 14.96
N SER B 105 -19.63 -6.42 14.39
CA SER B 105 -19.83 -6.29 12.95
C SER B 105 -19.04 -5.10 12.43
N MET B 106 -18.30 -5.31 11.35
CA MET B 106 -17.52 -4.25 10.72
C MET B 106 -18.43 -3.10 10.28
N LYS B 107 -17.97 -1.87 10.48
CA LYS B 107 -18.67 -0.68 10.03
C LYS B 107 -17.81 0.04 9.00
N GLN B 108 -18.42 0.40 7.87
CA GLN B 108 -17.69 1.07 6.79
C GLN B 108 -17.77 2.59 6.87
N ASN B 109 -18.83 3.13 7.48
CA ASN B 109 -19.05 4.58 7.51
C ASN B 109 -18.36 5.18 8.74
N LEU B 110 -17.04 5.21 8.67
CA LEU B 110 -16.22 5.77 9.73
C LEU B 110 -15.72 7.13 9.30
N HIS B 111 -15.85 8.11 10.20
CA HIS B 111 -15.41 9.48 9.95
C HIS B 111 -14.44 9.89 11.03
N ALA B 112 -13.27 10.37 10.62
CA ALA B 112 -12.34 10.99 11.55
C ALA B 112 -12.79 12.41 11.81
N ARG B 113 -13.09 12.71 13.07
CA ARG B 113 -13.53 14.04 13.45
C ARG B 113 -12.43 14.66 14.30
N ILE B 114 -11.98 15.84 13.91
CA ILE B 114 -10.81 16.47 14.50
C ILE B 114 -11.27 17.40 15.62
N SER B 115 -10.69 17.23 16.80
CA SER B 115 -10.92 18.12 17.92
C SER B 115 -9.58 18.56 18.47
N GLY B 116 -9.62 19.51 19.41
CA GLY B 116 -8.44 19.95 20.13
C GLY B 116 -7.31 20.46 19.27
N LEU B 117 -7.58 21.49 18.46
CA LEU B 117 -6.53 22.09 17.66
C LEU B 117 -5.53 22.82 18.55
N PRO B 118 -4.26 22.89 18.13
CA PRO B 118 -3.29 23.68 18.89
C PRO B 118 -3.75 25.12 19.05
N VAL B 119 -3.80 25.58 20.30
CA VAL B 119 -4.30 26.91 20.60
C VAL B 119 -3.36 27.96 20.03
N CYS B 120 -3.74 28.54 18.89
CA CYS B 120 -3.03 29.63 18.27
C CYS B 120 -4.04 30.45 17.49
N PRO B 121 -3.81 31.76 17.33
CA PRO B 121 -4.87 32.62 16.77
C PRO B 121 -5.28 32.28 15.34
N GLU B 122 -4.46 31.54 14.60
CA GLU B 122 -4.82 31.21 13.22
C GLU B 122 -5.68 29.97 13.10
N LEU B 123 -5.56 29.04 14.04
CA LEU B 123 -6.37 27.83 14.03
C LEU B 123 -7.59 27.92 14.94
N VAL B 124 -7.51 28.68 16.03
CA VAL B 124 -8.59 28.81 17.00
C VAL B 124 -9.15 30.22 16.88
N ARG B 125 -10.41 30.33 16.46
CA ARG B 125 -11.01 31.61 16.14
C ARG B 125 -12.18 31.90 17.08
N GLU B 126 -12.40 33.18 17.33
CA GLU B 126 -13.60 33.64 18.00
C GLU B 126 -14.50 34.48 17.11
N HIS B 127 -14.05 34.84 15.92
CA HIS B 127 -14.82 35.64 14.96
C HIS B 127 -15.11 34.81 13.72
N ILE B 128 -16.16 35.22 13.00
CA ILE B 128 -16.52 34.52 11.77
C ILE B 128 -15.37 34.61 10.77
N PRO B 129 -14.99 33.53 10.10
CA PRO B 129 -13.90 33.59 9.12
C PRO B 129 -14.29 34.43 7.91
N LYS B 130 -13.26 34.93 7.23
CA LYS B 130 -13.38 35.82 6.08
C LYS B 130 -12.80 35.14 4.83
N THR B 131 -12.80 35.88 3.72
CA THR B 131 -12.40 35.30 2.44
C THR B 131 -10.98 34.72 2.50
N LYS B 132 -10.07 35.36 3.24
CA LYS B 132 -8.72 34.83 3.36
C LYS B 132 -8.66 33.47 4.02
N ASP B 133 -9.71 33.08 4.76
CA ASP B 133 -9.75 31.81 5.46
C ASP B 133 -10.36 30.68 4.63
N VAL B 134 -10.79 30.96 3.40
CA VAL B 134 -11.42 29.94 2.58
C VAL B 134 -10.41 28.84 2.28
N GLY B 135 -10.83 27.60 2.46
CA GLY B 135 -9.96 26.45 2.28
C GLY B 135 -9.18 26.04 3.50
N HIS B 136 -9.20 26.83 4.57
CA HIS B 136 -8.51 26.47 5.79
C HIS B 136 -9.41 25.70 6.73
N PHE B 137 -8.79 24.89 7.57
CA PHE B 137 -9.47 24.18 8.66
C PHE B 137 -9.23 24.95 9.95
N LEU B 138 -10.29 25.20 10.69
CA LEU B 138 -10.18 25.94 11.94
C LEU B 138 -11.39 25.65 12.82
N SER B 139 -11.33 26.16 14.04
CA SER B 139 -12.43 26.07 14.98
C SER B 139 -13.04 27.46 15.20
N VAL B 140 -14.32 27.46 15.55
CA VAL B 140 -15.09 28.67 15.83
C VAL B 140 -15.91 28.43 17.08
N THR B 141 -15.84 29.35 18.03
CA THR B 141 -16.70 29.31 19.21
C THR B 141 -17.90 30.21 18.98
N GLY B 142 -19.09 29.69 19.26
CA GLY B 142 -20.28 30.45 18.99
C GLY B 142 -21.50 29.87 19.67
N THR B 143 -22.66 30.33 19.21
CA THR B 143 -23.95 29.94 19.78
C THR B 143 -24.95 29.71 18.66
N VAL B 144 -25.68 28.60 18.75
CA VAL B 144 -26.66 28.27 17.73
C VAL B 144 -27.87 29.20 17.87
N ILE B 145 -28.26 29.83 16.77
CA ILE B 145 -29.42 30.71 16.78
C ILE B 145 -30.58 30.15 15.96
N ARG B 146 -30.32 29.29 14.97
CA ARG B 146 -31.38 28.75 14.12
C ARG B 146 -30.98 27.36 13.66
N THR B 147 -31.98 26.49 13.52
CA THR B 147 -31.78 25.13 13.07
C THR B 147 -32.82 24.80 12.01
N SER B 148 -32.38 24.12 10.95
CA SER B 148 -33.26 23.71 9.88
C SER B 148 -33.65 22.25 10.05
N LEU B 149 -34.57 21.81 9.19
CA LEU B 149 -34.96 20.40 9.16
C LEU B 149 -33.88 19.58 8.47
N VAL B 150 -33.78 18.31 8.84
CA VAL B 150 -32.84 17.40 8.20
C VAL B 150 -33.40 16.97 6.85
N LYS B 151 -32.57 17.00 5.83
CA LYS B 151 -32.91 16.51 4.50
C LYS B 151 -32.09 15.28 4.16
N VAL B 152 -32.54 14.57 3.14
CA VAL B 152 -31.86 13.38 2.64
C VAL B 152 -31.40 13.68 1.21
N LEU B 153 -30.08 13.61 1.00
CA LEU B 153 -29.49 13.99 -0.27
C LEU B 153 -28.69 12.82 -0.85
N GLU B 154 -28.45 12.90 -2.15
CA GLU B 154 -27.62 11.93 -2.86
C GLU B 154 -26.28 12.58 -3.17
N PHE B 155 -25.21 12.02 -2.61
CA PHE B 155 -23.88 12.59 -2.77
C PHE B 155 -23.13 12.03 -3.98
N GLU B 156 -23.56 10.89 -4.53
CA GLU B 156 -22.87 10.28 -5.65
C GLU B 156 -23.90 9.66 -6.60
N ARG B 157 -23.54 9.60 -7.88
CA ARG B 157 -24.41 9.03 -8.91
C ARG B 157 -23.58 8.28 -9.94
N ASP B 158 -24.19 7.28 -10.55
CA ASP B 158 -23.54 6.47 -11.58
C ASP B 158 -23.95 6.99 -12.96
N TYR B 159 -22.96 7.17 -13.82
CA TYR B 159 -23.16 7.68 -15.17
C TYR B 159 -22.67 6.67 -16.19
N MET B 160 -23.28 6.73 -17.38
CA MET B 160 -22.99 5.80 -18.46
C MET B 160 -22.56 6.59 -19.70
N CYS B 161 -21.50 6.12 -20.36
CA CYS B 161 -21.05 6.74 -21.59
C CYS B 161 -21.86 6.26 -22.78
N ASN B 162 -22.19 7.19 -23.67
CA ASN B 162 -23.03 6.90 -24.83
C ASN B 162 -22.27 6.23 -25.96
N LYS B 163 -20.96 6.06 -25.85
CA LYS B 163 -20.18 5.34 -26.84
C LYS B 163 -19.36 4.19 -26.28
N CYS B 164 -19.12 4.13 -24.96
CA CYS B 164 -18.37 3.04 -24.37
C CYS B 164 -19.15 2.26 -23.32
N LYS B 165 -20.29 2.76 -22.87
CA LYS B 165 -21.14 2.06 -21.91
C LYS B 165 -20.39 1.72 -20.62
N HIS B 166 -19.35 2.49 -20.32
CA HIS B 166 -18.63 2.32 -19.06
C HIS B 166 -19.37 3.04 -17.95
N VAL B 167 -19.48 2.38 -16.80
CA VAL B 167 -20.22 2.89 -15.66
C VAL B 167 -19.22 3.31 -14.58
N PHE B 168 -19.34 4.55 -14.13
CA PHE B 168 -18.48 5.09 -13.09
C PHE B 168 -19.28 6.08 -12.25
N VAL B 169 -18.77 6.38 -11.06
CA VAL B 169 -19.46 7.22 -10.10
C VAL B 169 -18.93 8.64 -10.19
N ILE B 170 -19.82 9.59 -9.93
CA ILE B 170 -19.48 11.01 -9.92
C ILE B 170 -19.89 11.60 -8.58
N LYS B 171 -18.99 12.35 -7.96
CA LYS B 171 -19.28 13.05 -6.71
C LYS B 171 -20.10 14.31 -6.99
N ALA B 172 -20.94 14.67 -6.02
CA ALA B 172 -21.71 15.90 -6.10
C ALA B 172 -20.84 17.08 -5.67
N ASP B 173 -21.06 18.24 -6.29
CA ASP B 173 -20.27 19.44 -6.04
C ASP B 173 -20.88 20.20 -4.87
N PHE B 174 -20.24 20.11 -3.71
CA PHE B 174 -20.70 20.83 -2.53
C PHE B 174 -20.74 22.33 -2.78
N GLU B 175 -19.71 22.86 -3.45
CA GLU B 175 -19.63 24.30 -3.69
C GLU B 175 -20.78 24.81 -4.55
N GLN B 176 -21.43 23.94 -5.32
CA GLN B 176 -22.58 24.28 -6.13
C GLN B 176 -23.82 23.54 -5.67
N TYR B 177 -23.94 23.37 -4.35
CA TYR B 177 -25.16 22.87 -3.72
C TYR B 177 -25.50 21.44 -4.16
N TYR B 178 -24.47 20.60 -4.21
CA TYR B 178 -24.61 19.17 -4.48
C TYR B 178 -25.24 18.90 -5.84
N THR B 179 -24.81 19.65 -6.85
CA THR B 179 -25.20 19.35 -8.22
C THR B 179 -24.19 18.42 -8.87
N PHE B 180 -24.63 17.71 -9.90
CA PHE B 180 -23.80 16.77 -10.62
C PHE B 180 -23.44 17.38 -11.97
N CYS B 181 -22.13 17.57 -12.22
CA CYS B 181 -21.73 18.11 -13.52
C CYS B 181 -21.36 16.98 -14.46
N PRO B 182 -21.83 17.00 -15.69
CA PRO B 182 -21.45 15.95 -16.66
C PRO B 182 -19.99 16.09 -17.05
N PRO B 183 -19.30 14.96 -17.25
CA PRO B 183 -17.90 15.02 -17.67
C PRO B 183 -17.77 14.98 -19.19
N SER B 184 -16.55 15.24 -19.65
CA SER B 184 -16.24 15.25 -21.08
C SER B 184 -15.18 14.21 -21.44
N SER B 185 -14.96 13.22 -20.57
CA SER B 185 -13.99 12.18 -20.82
C SER B 185 -14.45 10.89 -20.16
N CYS B 186 -14.19 9.77 -20.82
CA CYS B 186 -14.60 8.47 -20.30
C CYS B 186 -13.50 7.89 -19.44
N PRO B 187 -13.72 7.66 -18.15
CA PRO B 187 -12.64 7.20 -17.26
C PRO B 187 -12.27 5.73 -17.45
N SER B 188 -12.60 5.15 -18.60
CA SER B 188 -12.22 3.77 -18.86
C SER B 188 -10.72 3.67 -19.05
N LEU B 189 -10.08 2.73 -18.35
CA LEU B 189 -8.64 2.61 -18.40
C LEU B 189 -8.14 2.24 -19.79
N GLU B 190 -8.98 1.61 -20.61
CA GLU B 190 -8.61 1.30 -21.98
C GLU B 190 -8.45 2.48 -22.93
N SER B 191 -9.57 3.02 -23.40
CA SER B 191 -9.55 4.15 -24.33
C SER B 191 -10.98 4.47 -24.75
N CYS B 192 -11.31 5.76 -24.73
CA CYS B 192 -12.58 6.28 -25.22
C CYS B 192 -12.50 7.79 -25.21
N ASP B 193 -13.05 8.42 -26.26
CA ASP B 193 -12.77 9.82 -26.52
C ASP B 193 -13.99 10.73 -26.41
N SER B 194 -15.14 10.32 -26.97
CA SER B 194 -16.23 11.25 -27.19
C SER B 194 -16.81 11.77 -25.87
N SER B 195 -17.61 12.84 -25.99
CA SER B 195 -18.02 13.63 -24.83
C SER B 195 -19.53 13.62 -24.62
N LYS B 196 -20.14 12.44 -24.60
CA LYS B 196 -21.57 12.30 -24.31
C LYS B 196 -21.75 11.29 -23.19
N PHE B 197 -22.65 11.60 -22.26
CA PHE B 197 -22.89 10.75 -21.09
C PHE B 197 -24.36 10.76 -20.74
N THR B 198 -24.76 9.80 -19.89
CA THR B 198 -26.14 9.65 -19.47
C THR B 198 -26.17 9.16 -18.02
N CYS B 199 -27.04 9.78 -17.22
CA CYS B 199 -27.17 9.44 -15.81
C CYS B 199 -28.10 8.26 -15.62
N LEU B 200 -27.82 7.46 -14.59
CA LEU B 200 -28.56 6.23 -14.29
C LEU B 200 -29.03 6.23 -12.85
N SER B 201 -29.47 7.38 -12.34
CA SER B 201 -29.73 7.50 -10.91
C SER B 201 -31.01 6.80 -10.49
N GLY B 202 -32.13 7.13 -11.15
CA GLY B 202 -33.40 6.60 -10.72
C GLY B 202 -33.82 5.31 -11.41
N LEU B 203 -32.85 4.50 -11.84
CA LEU B 203 -33.15 3.29 -12.59
C LEU B 203 -33.41 2.09 -11.69
N SER B 204 -32.71 2.00 -10.56
CA SER B 204 -32.93 0.90 -9.62
C SER B 204 -32.95 1.45 -8.21
N SER B 205 -33.37 0.60 -7.28
CA SER B 205 -33.51 0.99 -5.87
C SER B 205 -32.33 0.44 -5.07
N SER B 206 -31.16 1.03 -5.31
CA SER B 206 -29.94 0.74 -4.55
C SER B 206 -29.35 2.04 -4.05
N PRO B 207 -29.99 2.69 -3.07
CA PRO B 207 -29.49 3.99 -2.60
C PRO B 207 -28.21 3.85 -1.78
N THR B 208 -27.08 3.77 -2.47
CA THR B 208 -25.76 3.69 -1.84
C THR B 208 -24.96 4.92 -2.27
N ARG B 209 -25.14 6.02 -1.54
CA ARG B 209 -26.02 6.07 -0.39
C ARG B 209 -26.75 7.42 -0.32
N CYS B 210 -27.87 7.45 0.39
CA CYS B 210 -28.58 8.69 0.68
C CYS B 210 -28.13 9.21 2.05
N ARG B 211 -27.73 10.47 2.11
CA ARG B 211 -27.02 11.03 3.25
C ARG B 211 -27.83 12.14 3.93
N ASP B 212 -27.66 12.24 5.25
CA ASP B 212 -28.33 13.26 6.04
C ASP B 212 -27.63 14.62 5.90
N TYR B 213 -28.44 15.68 5.94
CA TYR B 213 -27.96 17.03 5.68
C TYR B 213 -28.81 18.02 6.48
N GLN B 214 -28.15 18.99 7.10
CA GLN B 214 -28.82 19.99 7.92
C GLN B 214 -27.98 21.25 7.93
N GLU B 215 -28.64 22.40 7.95
CA GLU B 215 -27.98 23.69 8.05
C GLU B 215 -28.34 24.34 9.38
N ILE B 216 -27.36 25.00 10.00
CA ILE B 216 -27.59 25.78 11.22
C ILE B 216 -26.95 27.15 11.03
N LYS B 217 -27.29 28.06 11.93
CA LYS B 217 -26.72 29.40 11.99
C LYS B 217 -26.07 29.59 13.35
N ILE B 218 -24.85 30.11 13.36
CA ILE B 218 -24.13 30.37 14.61
C ILE B 218 -23.71 31.83 14.66
N GLN B 219 -23.69 32.36 15.87
CA GLN B 219 -23.24 33.71 16.16
C GLN B 219 -21.93 33.63 16.93
N GLU B 220 -20.99 34.52 16.59
CA GLU B 220 -19.66 34.46 17.21
C GLU B 220 -19.74 34.80 18.70
N GLN B 221 -18.87 34.15 19.47
CA GLN B 221 -18.75 34.37 20.91
C GLN B 221 -17.27 34.55 21.25
N VAL B 222 -16.95 35.60 22.00
CA VAL B 222 -15.56 35.95 22.27
C VAL B 222 -15.22 35.80 23.75
N GLN B 223 -13.98 35.42 24.01
CA GLN B 223 -13.46 35.32 25.37
C GLN B 223 -12.09 35.95 25.56
N ARG B 224 -11.11 35.50 24.77
CA ARG B 224 -9.78 36.08 24.82
C ARG B 224 -9.69 37.38 24.06
N LEU B 225 -10.45 37.52 22.96
CA LEU B 225 -10.42 38.73 22.16
C LEU B 225 -11.44 39.73 22.69
N SER B 226 -11.54 40.88 22.03
CA SER B 226 -12.42 41.95 22.49
C SER B 226 -13.84 41.74 21.97
N VAL B 227 -14.77 42.44 22.61
CA VAL B 227 -16.18 42.29 22.28
C VAL B 227 -16.53 43.19 21.09
N GLY B 228 -17.54 42.77 20.34
CA GLY B 228 -18.06 43.59 19.25
C GLY B 228 -19.47 44.09 19.54
N SER B 229 -19.88 45.18 18.90
CA SER B 229 -21.22 45.69 19.11
C SER B 229 -22.28 44.70 18.63
N ILE B 230 -22.29 44.41 17.35
CA ILE B 230 -23.19 43.43 16.76
C ILE B 230 -22.36 42.22 16.31
N PRO B 231 -22.53 41.06 16.92
CA PRO B 231 -21.79 39.88 16.47
C PRO B 231 -22.27 39.39 15.12
N ARG B 232 -21.37 38.78 14.37
CA ARG B 232 -21.69 38.27 13.05
C ARG B 232 -22.15 36.82 13.10
N SER B 233 -22.89 36.41 12.09
CA SER B 233 -23.44 35.07 11.99
C SER B 233 -22.80 34.31 10.82
N MET B 234 -23.12 33.03 10.73
CA MET B 234 -22.54 32.16 9.71
C MET B 234 -23.39 30.92 9.56
N LYS B 235 -23.45 30.40 8.34
CA LYS B 235 -24.08 29.11 8.07
C LYS B 235 -23.08 27.99 8.29
N VAL B 236 -23.52 26.93 8.96
CA VAL B 236 -22.71 25.73 9.18
C VAL B 236 -23.49 24.53 8.67
N ILE B 237 -22.87 23.76 7.77
CA ILE B 237 -23.50 22.60 7.15
C ILE B 237 -23.07 21.36 7.91
N LEU B 238 -24.04 20.60 8.41
CA LEU B 238 -23.81 19.33 9.08
C LEU B 238 -24.27 18.20 8.18
N GLU B 239 -23.52 17.10 8.16
CA GLU B 239 -23.95 15.94 7.42
C GLU B 239 -23.57 14.68 8.19
N ASP B 240 -24.18 13.57 7.79
CA ASP B 240 -23.95 12.24 8.37
C ASP B 240 -24.30 12.28 9.87
N ASP B 241 -23.44 11.80 10.75
CA ASP B 241 -23.72 11.72 12.18
C ASP B 241 -23.66 13.09 12.88
N LEU B 242 -23.44 14.18 12.15
CA LEU B 242 -23.42 15.50 12.79
C LEU B 242 -24.80 16.15 12.85
N VAL B 243 -25.78 15.63 12.12
CA VAL B 243 -27.12 16.20 12.17
C VAL B 243 -27.76 15.89 13.53
N ASP B 244 -28.64 16.78 13.97
CA ASP B 244 -29.36 16.64 15.25
C ASP B 244 -28.41 16.60 16.43
N SER B 245 -27.27 17.26 16.32
CA SER B 245 -26.28 17.26 17.39
C SER B 245 -26.29 18.56 18.21
N CYS B 246 -27.15 19.50 17.85
CA CYS B 246 -27.25 20.76 18.59
C CYS B 246 -28.59 21.40 18.28
N LYS B 247 -29.09 22.18 19.23
CA LYS B 247 -30.37 22.85 19.12
C LYS B 247 -30.18 24.35 19.26
N SER B 248 -31.27 25.08 19.03
CA SER B 248 -31.22 26.53 19.15
C SER B 248 -30.87 26.93 20.57
N GLY B 249 -29.82 27.74 20.73
CA GLY B 249 -29.38 28.21 22.01
C GLY B 249 -28.13 27.55 22.55
N ASP B 250 -27.61 26.52 21.88
CA ASP B 250 -26.48 25.80 22.43
C ASP B 250 -25.20 26.62 22.33
N ASP B 251 -24.32 26.43 23.30
CA ASP B 251 -22.97 26.97 23.27
C ASP B 251 -22.06 25.88 22.73
N LEU B 252 -21.31 26.17 21.68
CA LEU B 252 -20.60 25.12 20.98
C LEU B 252 -19.35 25.65 20.31
N THR B 253 -18.43 24.73 20.04
CA THR B 253 -17.24 24.97 19.24
C THR B 253 -17.32 24.08 18.01
N ILE B 254 -17.20 24.67 16.83
CA ILE B 254 -17.34 23.96 15.58
C ILE B 254 -15.98 23.89 14.89
N TYR B 255 -15.56 22.68 14.54
CA TYR B 255 -14.35 22.43 13.77
C TYR B 255 -14.74 22.05 12.35
N GLY B 256 -14.10 22.67 11.37
CA GLY B 256 -14.47 22.41 9.99
C GLY B 256 -13.65 23.24 9.03
N ILE B 257 -14.09 23.23 7.77
CA ILE B 257 -13.38 23.87 6.67
C ILE B 257 -14.23 25.02 6.13
N VAL B 258 -13.60 26.16 5.92
CA VAL B 258 -14.28 27.34 5.39
C VAL B 258 -14.50 27.14 3.89
N MET B 259 -15.75 27.17 3.46
CA MET B 259 -16.12 26.88 2.07
C MET B 259 -16.87 28.05 1.46
N GLN B 260 -16.86 28.10 0.13
CA GLN B 260 -17.67 29.04 -0.63
C GLN B 260 -18.69 28.27 -1.46
N ARG B 261 -19.96 28.56 -1.26
CA ARG B 261 -21.00 28.10 -2.15
C ARG B 261 -21.46 29.25 -3.04
N TRP B 262 -21.89 28.92 -4.25
CA TRP B 262 -22.23 29.97 -5.20
C TRP B 262 -23.17 29.42 -6.27
N LYS B 263 -23.98 30.32 -6.81
CA LYS B 263 -24.79 30.07 -7.99
C LYS B 263 -24.46 31.11 -9.04
N PRO B 264 -24.25 30.73 -10.30
CA PRO B 264 -23.85 31.70 -11.32
C PRO B 264 -25.05 32.47 -11.86
N PHE B 265 -24.74 33.51 -12.63
CA PHE B 265 -25.77 34.24 -13.35
C PHE B 265 -26.43 33.35 -14.39
N GLN B 266 -27.72 33.55 -14.60
CA GLN B 266 -28.43 32.81 -15.64
C GLN B 266 -29.19 33.77 -16.55
N GLN B 267 -30.25 33.27 -17.18
CA GLN B 267 -31.04 34.10 -18.09
C GLN B 267 -31.61 35.30 -17.36
N ASP B 268 -32.40 35.06 -16.30
CA ASP B 268 -32.96 36.13 -15.49
C ASP B 268 -32.64 35.94 -14.01
N VAL B 269 -31.76 35.01 -13.67
CA VAL B 269 -31.46 34.66 -12.28
C VAL B 269 -30.23 35.42 -11.83
N ARG B 270 -30.31 36.05 -10.66
CA ARG B 270 -29.17 36.74 -10.08
C ARG B 270 -28.22 35.74 -9.45
N ALA B 271 -26.94 36.11 -9.41
CA ALA B 271 -25.92 35.28 -8.78
C ALA B 271 -25.85 35.56 -7.30
N GLU B 272 -25.24 34.64 -6.56
CA GLU B 272 -25.02 34.84 -5.14
C GLU B 272 -23.87 33.95 -4.67
N VAL B 273 -22.98 34.52 -3.87
CA VAL B 273 -21.88 33.80 -3.26
C VAL B 273 -22.09 33.80 -1.76
N GLU B 274 -21.54 32.80 -1.10
CA GLU B 274 -21.82 32.57 0.31
C GLU B 274 -20.64 31.86 0.94
N ILE B 275 -20.21 32.33 2.10
CA ILE B 275 -19.16 31.67 2.86
C ILE B 275 -19.81 30.87 3.98
N VAL B 276 -19.60 29.56 3.97
CA VAL B 276 -20.15 28.67 4.98
C VAL B 276 -19.02 27.86 5.60
N LEU B 277 -19.32 27.25 6.74
CA LEU B 277 -18.43 26.33 7.41
C LEU B 277 -18.96 24.92 7.19
N LYS B 278 -18.14 24.05 6.58
CA LYS B 278 -18.51 22.65 6.41
C LYS B 278 -17.96 21.90 7.62
N ALA B 279 -18.85 21.62 8.57
CA ALA B 279 -18.41 21.14 9.88
C ALA B 279 -17.78 19.75 9.78
N ASN B 280 -16.76 19.53 10.61
CA ASN B 280 -16.17 18.22 10.79
C ASN B 280 -16.38 17.68 12.20
N TYR B 281 -16.57 18.54 13.19
CA TYR B 281 -16.83 18.12 14.56
C TYR B 281 -17.61 19.20 15.29
N ILE B 282 -18.53 18.78 16.15
CA ILE B 282 -19.32 19.69 16.98
C ILE B 282 -19.07 19.34 18.44
N GLN B 283 -18.76 20.36 19.25
CA GLN B 283 -18.49 20.18 20.67
C GLN B 283 -19.39 21.14 21.44
N VAL B 284 -20.47 20.61 22.02
CA VAL B 284 -21.40 21.41 22.80
C VAL B 284 -20.93 21.47 24.24
N ASN B 285 -20.99 22.66 24.84
CA ASN B 285 -20.63 22.83 26.25
C ASN B 285 -21.47 23.97 26.82
N ASN B 286 -22.60 23.61 27.44
CA ASN B 286 -23.49 24.59 28.05
C ASN B 286 -23.19 24.78 29.53
#